data_5Z5H
#
_entry.id   5Z5H
#
_cell.length_a   62.453
_cell.length_b   62.453
_cell.length_c   276.672
_cell.angle_alpha   90.000
_cell.angle_beta   90.000
_cell.angle_gamma   90.000
#
_symmetry.space_group_name_H-M   'P 43 21 2'
#
loop_
_entity.id
_entity.type
_entity.pdbx_description
1 polymer Beta-xylosidase
2 non-polymer 'CALCIUM ION'
3 non-polymer alpha-D-xylopyranose
4 water water
#
_entity_poly.entity_id   1
_entity_poly.type   'polypeptide(L)'
_entity_poly.pdbx_seq_one_letter_code
;MEYSNPVIKGFYPDPSICRVGSDYYLVTSSFQYFPGVPIFHSTNLINWNKIGYCLIRPSQLMLNNATNRSGIFAPTLRYH
EGIFYLITTNVTLKKNFIVMSEDLQGEWSEPIWIDGWGGIDPSLFFDNDGKVYITGTNDNARGEELGIYQAEIDLKKGSI
IGERKLIWKGTGGSYPEAPHLYKVNGWYYLLIAEGGTEYGHMVTVARSKYPFGPFESCPFNPILTHRSTNHPLQAIGHAD
IVQYHDGSWWAVFHGTRPISYPPKHHLGRETCLAPIKWTDDGWPIIGYNGRIDIKMDAGYLPVKEKNIGDEIIEDDFNSD
IFSTDWNFIQNPRLEHYSLKGRPSWLKMRGTEKTLNDINSPTFIGRRQEHFVCNVSTLLEFKPNQDNEEAGLTVYMNEKH
HYEIALTKKNGRINVVLKKTVGDIQVVVNSLEYFSNTIIFSIQANPEEYKFSFVDPNTGQTYLLGTGLTTLLSTEVAGGF
TGVYFGLYATGNGKVCTAPAFFDWFKYIPEIKGELNSKLEGKPIPNPLLGLDSTRTGHHHHHH
;
_entity_poly.pdbx_strand_id   A
#
loop_
_chem_comp.id
_chem_comp.type
_chem_comp.name
_chem_comp.formula
CA non-polymer 'CALCIUM ION' 'Ca 2'
XYS D-saccharide, alpha linking alpha-D-xylopyranose 'C5 H10 O5'
#
# COMPACT_ATOMS: atom_id res chain seq x y z
N MET A 1 -10.66 26.25 -9.16
CA MET A 1 -9.39 25.52 -8.87
C MET A 1 -9.59 24.05 -9.14
N GLU A 2 -8.49 23.37 -9.39
CA GLU A 2 -8.49 21.95 -9.75
C GLU A 2 -7.45 21.13 -8.99
N TYR A 3 -7.67 19.83 -8.94
CA TYR A 3 -6.66 18.91 -8.48
C TYR A 3 -6.72 17.67 -9.35
N SER A 4 -5.68 16.86 -9.28
CA SER A 4 -5.69 15.61 -10.02
C SER A 4 -5.75 14.39 -9.12
N ASN A 5 -6.41 13.38 -9.67
CA ASN A 5 -6.47 12.06 -9.07
C ASN A 5 -5.41 11.19 -9.80
N PRO A 6 -4.74 10.28 -9.10
CA PRO A 6 -4.87 10.04 -7.65
C PRO A 6 -4.17 11.12 -6.84
N VAL A 7 -4.66 11.38 -5.62
CA VAL A 7 -3.99 12.34 -4.71
C VAL A 7 -2.77 11.76 -4.02
N ILE A 8 -2.76 10.45 -3.82
CA ILE A 8 -1.59 9.71 -3.37
C ILE A 8 -1.31 8.59 -4.39
N LYS A 9 -0.23 8.76 -5.15
CA LYS A 9 0.05 7.90 -6.30
C LYS A 9 0.92 6.70 -5.89
N GLY A 10 0.77 5.59 -6.60
CA GLY A 10 1.47 4.35 -6.23
C GLY A 10 0.70 3.54 -5.20
N PHE A 11 1.38 2.56 -4.60
CA PHE A 11 0.74 1.50 -3.83
C PHE A 11 0.28 2.04 -2.45
N TYR A 12 -0.95 2.55 -2.44
CA TYR A 12 -1.54 3.19 -1.24
C TYR A 12 -3.04 2.88 -1.18
N PRO A 13 -3.39 1.61 -0.88
CA PRO A 13 -4.81 1.25 -0.98
C PRO A 13 -5.59 1.41 0.33
N ASP A 14 -6.93 1.29 0.25
CA ASP A 14 -7.82 1.24 1.42
C ASP A 14 -7.63 2.48 2.33
N PRO A 15 -7.69 3.70 1.74
CA PRO A 15 -7.46 4.87 2.58
C PRO A 15 -8.54 5.03 3.66
N SER A 16 -8.11 5.32 4.89
CA SER A 16 -9.03 5.74 5.95
C SER A 16 -8.54 7.11 6.42
N ILE A 17 -9.49 8.02 6.61
CA ILE A 17 -9.20 9.44 6.92
C ILE A 17 -9.76 9.81 8.31
N CYS A 18 -9.07 10.72 8.97
CA CYS A 18 -9.42 11.18 10.30
C CYS A 18 -9.10 12.66 10.42
N ARG A 19 -10.12 13.47 10.71
CA ARG A 19 -9.97 14.90 11.00
C ARG A 19 -9.70 15.23 12.48
N VAL A 20 -8.62 15.97 12.73
CA VAL A 20 -8.37 16.61 14.04
C VAL A 20 -8.25 18.14 13.86
N GLY A 21 -9.32 18.88 14.20
CA GLY A 21 -9.33 20.34 14.05
C GLY A 21 -9.24 20.72 12.58
N SER A 22 -8.12 21.32 12.19
CA SER A 22 -7.86 21.66 10.77
CA SER A 22 -7.86 21.66 10.77
C SER A 22 -6.75 20.79 10.15
N ASP A 23 -6.40 19.70 10.83
CA ASP A 23 -5.46 18.70 10.32
C ASP A 23 -6.17 17.39 9.91
N TYR A 24 -5.60 16.68 8.96
CA TYR A 24 -6.21 15.46 8.39
C TYR A 24 -5.14 14.42 8.32
N TYR A 25 -5.49 13.21 8.74
CA TYR A 25 -4.55 12.10 8.76
C TYR A 25 -5.16 10.95 8.00
N LEU A 26 -4.30 10.22 7.29
CA LEU A 26 -4.79 9.15 6.42
C LEU A 26 -3.85 7.95 6.45
N VAL A 27 -4.47 6.78 6.51
CA VAL A 27 -3.72 5.52 6.55
C VAL A 27 -4.07 4.60 5.39
N THR A 28 -3.10 3.76 4.99
CA THR A 28 -3.29 2.81 3.89
C THR A 28 -2.80 1.41 4.27
N SER A 29 -3.27 0.41 3.53
CA SER A 29 -2.88 -0.96 3.71
C SER A 29 -1.48 -1.26 3.16
N SER A 30 -0.79 -2.21 3.79
CA SER A 30 0.60 -2.47 3.42
C SER A 30 0.98 -3.95 3.22
N PHE A 31 0.04 -4.86 3.50
CA PHE A 31 0.26 -6.29 3.17
C PHE A 31 1.53 -6.86 3.83
N GLN A 32 2.49 -7.37 3.04
CA GLN A 32 3.70 -8.00 3.58
C GLN A 32 4.90 -7.03 3.81
N TYR A 33 4.71 -5.74 3.51
CA TYR A 33 5.78 -4.76 3.65
C TYR A 33 5.95 -4.19 5.08
N PHE A 34 7.21 -4.01 5.46
CA PHE A 34 7.60 -3.52 6.77
C PHE A 34 8.46 -2.28 6.57
N PRO A 35 8.22 -1.17 7.28
CA PRO A 35 7.16 -1.01 8.31
C PRO A 35 5.75 -0.99 7.68
N GLY A 36 4.74 -1.15 8.54
CA GLY A 36 3.35 -1.34 8.10
C GLY A 36 2.48 -0.12 8.35
N VAL A 37 1.47 0.05 7.48
CA VAL A 37 0.43 1.10 7.59
C VAL A 37 1.06 2.52 7.51
N PRO A 38 1.41 2.98 6.29
CA PRO A 38 1.89 4.39 6.16
C PRO A 38 0.83 5.35 6.69
N ILE A 39 1.27 6.48 7.24
CA ILE A 39 0.37 7.51 7.74
C ILE A 39 0.74 8.86 7.13
N PHE A 40 -0.29 9.55 6.64
CA PHE A 40 -0.10 10.83 5.95
C PHE A 40 -0.82 11.96 6.68
N HIS A 41 -0.35 13.18 6.42
CA HIS A 41 -0.99 14.38 6.95
C HIS A 41 -1.33 15.33 5.80
N SER A 42 -2.49 15.97 5.91
CA SER A 42 -2.85 17.05 4.98
C SER A 42 -3.54 18.17 5.73
N THR A 43 -3.51 19.37 5.14
CA THR A 43 -4.34 20.48 5.57
C THR A 43 -5.40 20.82 4.51
N ASN A 44 -5.30 20.22 3.33
CA ASN A 44 -6.26 20.51 2.25
C ASN A 44 -6.86 19.30 1.52
N LEU A 45 -6.66 18.09 2.03
CA LEU A 45 -7.21 16.83 1.48
C LEU A 45 -6.61 16.41 0.14
N ILE A 46 -5.93 17.35 -0.53
CA ILE A 46 -5.30 17.17 -1.84
C ILE A 46 -3.83 16.76 -1.71
N ASN A 47 -3.09 17.49 -0.89
CA ASN A 47 -1.65 17.28 -0.76
C ASN A 47 -1.38 16.56 0.57
N TRP A 48 -0.69 15.43 0.45
CA TRP A 48 -0.41 14.58 1.60
C TRP A 48 1.09 14.47 1.76
N ASN A 49 1.55 14.65 2.98
CA ASN A 49 2.93 14.30 3.32
C ASN A 49 3.00 13.10 4.26
N LYS A 50 3.86 12.15 3.91
CA LYS A 50 3.99 10.94 4.70
C LYS A 50 4.70 11.32 5.99
N ILE A 51 4.10 10.98 7.12
CA ILE A 51 4.73 11.31 8.40
C ILE A 51 5.46 10.09 9.01
N GLY A 52 5.35 8.94 8.35
CA GLY A 52 5.95 7.71 8.86
C GLY A 52 4.96 6.55 8.79
N TYR A 53 5.11 5.60 9.71
CA TYR A 53 4.30 4.38 9.72
C TYR A 53 3.69 4.13 11.10
N CYS A 54 2.60 3.37 11.15
CA CYS A 54 1.98 3.02 12.44
C CYS A 54 2.56 1.74 13.07
N LEU A 55 2.99 0.77 12.26
CA LEU A 55 3.46 -0.52 12.79
C LEU A 55 4.95 -0.65 12.49
N ILE A 56 5.77 -0.45 13.52
CA ILE A 56 7.22 -0.36 13.32
C ILE A 56 8.04 -1.34 14.17
N ARG A 57 7.36 -2.12 14.99
CA ARG A 57 8.01 -3.03 15.93
C ARG A 57 7.50 -4.44 15.68
N PRO A 58 8.37 -5.48 15.86
CA PRO A 58 7.96 -6.89 15.71
C PRO A 58 6.68 -7.28 16.49
N SER A 59 6.52 -6.78 17.70
CA SER A 59 5.32 -7.01 18.52
C SER A 59 4.03 -6.48 17.89
N GLN A 60 4.15 -5.41 17.11
CA GLN A 60 2.98 -4.84 16.42
C GLN A 60 2.74 -5.49 15.05
N LEU A 61 3.76 -6.09 14.46
CA LEU A 61 3.72 -6.48 13.06
C LEU A 61 4.46 -7.79 12.80
N MET A 62 3.74 -8.90 12.92
CA MET A 62 4.31 -10.25 12.77
C MET A 62 4.09 -10.73 11.34
N LEU A 63 5.13 -10.62 10.51
CA LEU A 63 5.00 -10.87 9.06
C LEU A 63 5.69 -12.13 8.55
N ASN A 64 6.14 -13.01 9.46
CA ASN A 64 6.65 -14.29 9.03
C ASN A 64 5.53 -15.00 8.26
N ASN A 65 5.88 -15.57 7.10
CA ASN A 65 4.96 -16.24 6.15
C ASN A 65 4.01 -15.30 5.39
N ALA A 66 4.14 -13.99 5.60
CA ALA A 66 3.29 -13.04 4.88
C ALA A 66 3.78 -12.88 3.43
N THR A 67 2.81 -12.73 2.52
CA THR A 67 3.06 -12.56 1.11
C THR A 67 2.22 -11.37 0.65
N ASN A 68 2.29 -11.02 -0.64
CA ASN A 68 1.47 -9.92 -1.18
C ASN A 68 -0.03 -10.29 -1.29
N ARG A 69 -0.38 -11.52 -0.91
CA ARG A 69 -1.76 -12.01 -0.75
C ARG A 69 -2.21 -11.94 0.72
N SER A 70 -1.31 -11.62 1.66
CA SER A 70 -1.63 -11.66 3.08
C SER A 70 -1.05 -10.44 3.89
N GLY A 71 -0.60 -10.64 5.13
CA GLY A 71 -0.13 -9.50 5.97
C GLY A 71 -1.24 -8.52 6.33
N ILE A 72 -0.91 -7.22 6.35
CA ILE A 72 -1.81 -6.18 6.84
C ILE A 72 -2.82 -5.73 5.78
N PHE A 73 -4.10 -5.94 6.08
CA PHE A 73 -5.18 -5.60 5.16
C PHE A 73 -5.71 -4.20 5.50
N ALA A 74 -6.92 -3.83 5.10
CA ALA A 74 -7.41 -2.44 5.32
C ALA A 74 -7.29 -1.92 6.78
N PRO A 75 -6.66 -0.75 6.96
CA PRO A 75 -6.59 -0.13 8.29
C PRO A 75 -7.64 0.96 8.41
N THR A 76 -8.18 1.17 9.60
CA THR A 76 -9.07 2.30 9.88
C THR A 76 -8.50 3.18 11.01
N LEU A 77 -8.53 4.49 10.81
CA LEU A 77 -8.01 5.46 11.76
C LEU A 77 -9.12 6.36 12.31
N ARG A 78 -9.21 6.41 13.64
CA ARG A 78 -10.21 7.23 14.31
C ARG A 78 -9.58 8.01 15.49
N TYR A 79 -10.24 9.08 15.90
CA TYR A 79 -9.75 9.98 16.96
C TYR A 79 -10.89 10.20 17.97
N HIS A 80 -10.58 10.11 19.26
CA HIS A 80 -11.57 10.40 20.28
C HIS A 80 -10.87 10.89 21.52
N GLU A 81 -11.27 12.07 21.96
CA GLU A 81 -10.78 12.72 23.19
C GLU A 81 -9.28 12.64 23.36
N GLY A 82 -8.55 13.00 22.31
CA GLY A 82 -7.09 13.07 22.34
C GLY A 82 -6.32 11.81 21.99
N ILE A 83 -7.03 10.71 21.75
CA ILE A 83 -6.35 9.43 21.44
C ILE A 83 -6.69 9.01 20.02
N PHE A 84 -5.66 8.67 19.23
CA PHE A 84 -5.84 8.03 17.91
C PHE A 84 -5.94 6.51 18.06
N TYR A 85 -6.86 5.89 17.31
CA TYR A 85 -7.03 4.43 17.30
C TYR A 85 -6.81 3.95 15.89
N LEU A 86 -5.86 3.04 15.73
CA LEU A 86 -5.68 2.43 14.45
C LEU A 86 -6.12 0.98 14.57
N ILE A 87 -7.11 0.58 13.76
CA ILE A 87 -7.66 -0.79 13.84
C ILE A 87 -7.46 -1.52 12.51
N THR A 88 -6.94 -2.76 12.57
CA THR A 88 -6.64 -3.48 11.33
C THR A 88 -6.60 -5.00 11.49
N THR A 89 -6.42 -5.70 10.38
CA THR A 89 -6.33 -7.16 10.34
C THR A 89 -4.94 -7.59 9.91
N ASN A 90 -4.33 -8.48 10.68
CA ASN A 90 -3.21 -9.23 10.17
C ASN A 90 -3.81 -10.55 9.66
N VAL A 91 -3.99 -10.63 8.34
CA VAL A 91 -4.62 -11.76 7.68
C VAL A 91 -3.76 -13.03 7.75
N THR A 92 -2.44 -12.86 7.81
CA THR A 92 -1.52 -13.99 8.06
C THR A 92 -1.84 -14.70 9.38
N LEU A 93 -2.16 -13.92 10.40
CA LEU A 93 -2.54 -14.46 11.72
C LEU A 93 -4.04 -14.68 11.89
N LYS A 94 -4.83 -14.15 10.95
CA LYS A 94 -6.30 -14.12 11.01
C LYS A 94 -6.78 -13.43 12.30
N LYS A 95 -6.20 -12.28 12.59
CA LYS A 95 -6.48 -11.60 13.84
C LYS A 95 -6.65 -10.10 13.66
N ASN A 96 -7.66 -9.55 14.31
CA ASN A 96 -7.88 -8.11 14.35
C ASN A 96 -7.32 -7.49 15.62
N PHE A 97 -6.72 -6.30 15.47
CA PHE A 97 -6.10 -5.61 16.62
C PHE A 97 -6.17 -4.08 16.49
N ILE A 98 -5.96 -3.41 17.62
CA ILE A 98 -5.91 -1.96 17.71
C ILE A 98 -4.58 -1.56 18.33
N VAL A 99 -3.99 -0.50 17.77
CA VAL A 99 -2.93 0.26 18.43
C VAL A 99 -3.41 1.71 18.61
N MET A 100 -2.80 2.41 19.58
CA MET A 100 -3.22 3.74 20.03
C MET A 100 -2.00 4.68 20.09
N SER A 101 -2.26 5.97 19.90
CA SER A 101 -1.24 7.01 20.07
C SER A 101 -1.91 8.30 20.55
N GLU A 102 -1.15 9.09 21.33
CA GLU A 102 -1.55 10.43 21.73
C GLU A 102 -0.54 11.44 21.19
N ASP A 103 0.47 10.95 20.46
CA ASP A 103 1.49 11.77 19.84
C ASP A 103 1.97 11.08 18.54
N LEU A 104 1.52 11.58 17.40
CA LEU A 104 1.84 10.98 16.10
C LEU A 104 3.32 11.07 15.68
N GLN A 105 4.08 11.99 16.28
CA GLN A 105 5.54 11.97 16.08
C GLN A 105 6.25 10.87 16.86
N GLY A 106 5.55 10.30 17.84
CA GLY A 106 6.08 9.18 18.60
C GLY A 106 5.53 7.89 18.03
N GLU A 107 5.86 6.79 18.67
CA GLU A 107 5.44 5.46 18.22
C GLU A 107 4.08 5.10 18.79
N TRP A 108 3.42 4.12 18.17
CA TRP A 108 2.14 3.62 18.67
C TRP A 108 2.31 2.57 19.75
N SER A 109 1.23 2.31 20.47
CA SER A 109 1.15 1.34 21.55
C SER A 109 1.41 -0.10 21.09
N GLU A 110 1.63 -1.00 22.05
CA GLU A 110 1.51 -2.44 21.83
C GLU A 110 0.08 -2.74 21.35
N PRO A 111 -0.09 -3.83 20.56
CA PRO A 111 -1.44 -4.09 20.06
C PRO A 111 -2.39 -4.64 21.15
N ILE A 112 -3.66 -4.28 21.02
CA ILE A 112 -4.71 -4.95 21.76
C ILE A 112 -5.47 -5.85 20.78
N TRP A 113 -5.32 -7.16 20.96
CA TRP A 113 -5.99 -8.16 20.11
C TRP A 113 -7.48 -8.26 20.43
N ILE A 114 -8.35 -8.16 19.43
CA ILE A 114 -9.80 -8.29 19.66
C ILE A 114 -10.15 -9.76 19.44
N ASP A 115 -10.16 -10.53 20.52
CA ASP A 115 -10.49 -11.96 20.45
C ASP A 115 -11.94 -12.17 20.04
N GLY A 116 -12.16 -13.15 19.17
CA GLY A 116 -13.50 -13.43 18.67
C GLY A 116 -14.14 -12.30 17.89
N TRP A 117 -13.31 -11.56 17.15
CA TRP A 117 -13.81 -10.67 16.13
C TRP A 117 -13.05 -11.01 14.86
N GLY A 118 -13.72 -11.79 14.01
CA GLY A 118 -13.14 -12.21 12.74
C GLY A 118 -13.42 -11.21 11.62
N GLY A 119 -13.26 -11.69 10.40
CA GLY A 119 -13.46 -10.89 9.20
C GLY A 119 -12.32 -9.92 8.93
N ILE A 120 -12.51 -9.13 7.89
CA ILE A 120 -11.53 -8.08 7.54
C ILE A 120 -12.18 -6.70 7.69
N ASP A 121 -11.42 -5.65 7.35
CA ASP A 121 -11.91 -4.26 7.37
C ASP A 121 -12.60 -3.84 8.67
N PRO A 122 -11.93 -4.07 9.83
CA PRO A 122 -12.54 -3.59 11.06
C PRO A 122 -12.58 -2.06 11.08
N SER A 123 -13.67 -1.51 11.60
CA SER A 123 -13.84 -0.05 11.72
C SER A 123 -14.45 0.33 13.06
N LEU A 124 -14.17 1.56 13.48
CA LEU A 124 -14.67 2.11 14.75
C LEU A 124 -15.48 3.38 14.57
N PHE A 125 -16.54 3.50 15.37
CA PHE A 125 -17.42 4.66 15.43
C PHE A 125 -17.76 5.01 16.89
N PHE A 126 -17.48 6.26 17.28
CA PHE A 126 -17.77 6.77 18.61
C PHE A 126 -19.10 7.53 18.59
N ASP A 127 -20.09 6.99 19.29
CA ASP A 127 -21.41 7.60 19.32
C ASP A 127 -21.55 8.65 20.44
N ASN A 128 -22.56 9.53 20.31
CA ASN A 128 -22.81 10.60 21.29
C ASN A 128 -23.15 10.12 22.69
N ASP A 129 -23.63 8.88 22.81
CA ASP A 129 -24.04 8.34 24.10
C ASP A 129 -22.91 7.63 24.85
N GLY A 130 -21.66 7.80 24.41
CA GLY A 130 -20.52 7.17 25.07
C GLY A 130 -20.22 5.76 24.58
N LYS A 131 -21.10 5.23 23.74
CA LYS A 131 -20.89 3.91 23.14
C LYS A 131 -19.90 3.96 21.97
N VAL A 132 -19.12 2.89 21.84
CA VAL A 132 -18.19 2.71 20.71
C VAL A 132 -18.60 1.41 20.00
N TYR A 133 -18.63 1.45 18.67
CA TYR A 133 -19.00 0.30 17.87
C TYR A 133 -17.88 -0.13 16.96
N ILE A 134 -17.73 -1.45 16.86
CA ILE A 134 -16.85 -2.07 15.90
C ILE A 134 -17.71 -2.68 14.80
N THR A 135 -17.27 -2.47 13.57
CA THR A 135 -17.99 -2.92 12.39
C THR A 135 -16.95 -3.60 11.49
N GLY A 136 -17.35 -4.68 10.81
CA GLY A 136 -16.47 -5.45 9.92
C GLY A 136 -17.25 -6.42 9.05
N THR A 137 -16.50 -7.29 8.35
CA THR A 137 -17.12 -8.26 7.41
C THR A 137 -17.51 -9.55 8.14
N ASN A 138 -18.32 -10.37 7.47
CA ASN A 138 -18.49 -11.79 7.80
C ASN A 138 -17.18 -12.54 8.02
N ASP A 139 -17.24 -13.53 8.88
CA ASP A 139 -16.09 -14.34 9.19
C ASP A 139 -16.29 -15.71 8.53
N ASN A 140 -15.47 -15.95 7.50
CA ASN A 140 -15.44 -17.19 6.71
C ASN A 140 -15.22 -18.48 7.47
N ALA A 141 -14.35 -18.42 8.48
CA ALA A 141 -14.08 -19.58 9.36
C ALA A 141 -15.33 -20.08 10.09
N ARG A 142 -16.28 -19.18 10.35
CA ARG A 142 -17.51 -19.49 11.09
C ARG A 142 -18.75 -19.70 10.21
N GLY A 143 -18.56 -19.72 8.89
CA GLY A 143 -19.64 -19.96 7.93
C GLY A 143 -20.75 -18.93 8.04
N GLU A 144 -20.38 -17.69 8.34
CA GLU A 144 -21.36 -16.63 8.48
C GLU A 144 -21.96 -16.23 7.14
N GLU A 145 -23.21 -15.78 7.19
CA GLU A 145 -23.86 -15.11 6.09
C GLU A 145 -23.11 -13.84 5.69
N LEU A 146 -22.91 -13.70 4.37
CA LEU A 146 -22.20 -12.59 3.75
C LEU A 146 -22.83 -11.27 4.11
N GLY A 147 -22.01 -10.33 4.56
CA GLY A 147 -22.51 -9.02 4.97
C GLY A 147 -21.67 -8.34 6.02
N ILE A 148 -22.24 -7.28 6.58
CA ILE A 148 -21.57 -6.38 7.52
C ILE A 148 -22.04 -6.71 8.93
N TYR A 149 -21.04 -6.91 9.82
CA TYR A 149 -21.28 -7.29 11.20
C TYR A 149 -20.86 -6.16 12.16
N GLN A 150 -21.53 -6.10 13.31
CA GLN A 150 -21.33 -5.02 14.26
C GLN A 150 -21.56 -5.46 15.68
N ALA A 151 -20.82 -4.84 16.60
CA ALA A 151 -21.08 -4.95 18.04
C ALA A 151 -20.57 -3.71 18.74
N GLU A 152 -21.07 -3.47 19.95
CA GLU A 152 -20.38 -2.56 20.87
C GLU A 152 -19.04 -3.17 21.33
N ILE A 153 -18.03 -2.33 21.51
CA ILE A 153 -16.70 -2.77 21.88
C ILE A 153 -16.24 -2.03 23.12
N ASP A 154 -15.55 -2.74 24.01
CA ASP A 154 -14.85 -2.12 25.14
C ASP A 154 -13.38 -1.96 24.74
N LEU A 155 -12.97 -0.72 24.47
CA LEU A 155 -11.63 -0.45 23.89
C LEU A 155 -10.46 -0.82 24.80
N LYS A 156 -10.64 -0.64 26.10
CA LYS A 156 -9.62 -1.00 27.10
C LYS A 156 -9.39 -2.52 27.10
N LYS A 157 -10.47 -3.28 27.26
CA LYS A 157 -10.40 -4.75 27.32
C LYS A 157 -10.06 -5.43 25.97
N GLY A 158 -10.36 -4.75 24.87
CA GLY A 158 -10.31 -5.37 23.55
C GLY A 158 -11.27 -6.54 23.43
N SER A 159 -12.50 -6.31 23.91
CA SER A 159 -13.57 -7.31 23.85
C SER A 159 -14.93 -6.69 23.52
N ILE A 160 -15.79 -7.55 23.00
CA ILE A 160 -17.12 -7.23 22.50
C ILE A 160 -18.09 -7.19 23.67
N ILE A 161 -18.90 -6.13 23.70
CA ILE A 161 -20.03 -6.03 24.65
C ILE A 161 -21.26 -6.46 23.88
N GLY A 162 -22.06 -7.35 24.47
CA GLY A 162 -23.31 -7.78 23.88
C GLY A 162 -23.07 -8.65 22.68
N GLU A 163 -23.97 -8.61 21.70
CA GLU A 163 -23.94 -9.56 20.58
C GLU A 163 -23.35 -9.02 19.26
N ARG A 164 -22.68 -9.92 18.54
CA ARG A 164 -22.22 -9.66 17.19
C ARG A 164 -23.42 -9.86 16.25
N LYS A 165 -23.76 -8.85 15.49
CA LYS A 165 -25.01 -8.83 14.75
C LYS A 165 -24.75 -8.46 13.28
N LEU A 166 -25.40 -9.18 12.36
CA LEU A 166 -25.44 -8.80 10.95
C LEU A 166 -26.33 -7.57 10.85
N ILE A 167 -25.78 -6.49 10.34
CA ILE A 167 -26.56 -5.25 10.22
C ILE A 167 -26.98 -4.94 8.80
N TRP A 168 -26.27 -5.48 7.80
CA TRP A 168 -26.62 -5.29 6.38
C TRP A 168 -25.90 -6.25 5.44
N LYS A 169 -26.66 -6.78 4.49
CA LYS A 169 -26.08 -7.68 3.49
C LYS A 169 -25.48 -6.93 2.27
N GLY A 170 -25.68 -5.62 2.19
CA GLY A 170 -25.32 -4.80 1.03
C GLY A 170 -26.41 -4.89 -0.02
N THR A 171 -26.15 -4.36 -1.22
CA THR A 171 -27.11 -4.38 -2.34
C THR A 171 -27.21 -5.70 -3.14
N GLY A 172 -26.29 -6.63 -2.92
CA GLY A 172 -26.23 -7.85 -3.72
C GLY A 172 -24.91 -8.06 -4.46
N GLY A 173 -24.04 -7.06 -4.44
CA GLY A 173 -22.67 -7.24 -4.94
C GLY A 173 -21.86 -8.20 -4.06
N SER A 174 -20.85 -8.84 -4.64
CA SER A 174 -19.96 -9.75 -3.90
C SER A 174 -19.17 -8.99 -2.85
N TYR A 175 -18.61 -9.74 -1.90
CA TYR A 175 -17.67 -9.21 -0.90
C TYR A 175 -18.10 -7.84 -0.27
N PRO A 176 -19.31 -7.76 0.36
CA PRO A 176 -19.66 -6.53 1.10
C PRO A 176 -18.62 -6.36 2.20
N GLU A 177 -18.00 -5.18 2.23
CA GLU A 177 -16.78 -4.94 3.01
C GLU A 177 -16.53 -3.44 3.19
N ALA A 178 -15.34 -3.09 3.69
CA ALA A 178 -15.01 -1.69 3.97
C ALA A 178 -16.10 -0.92 4.76
N PRO A 179 -16.78 -1.57 5.75
CA PRO A 179 -17.87 -0.79 6.35
C PRO A 179 -17.43 0.36 7.25
N HIS A 180 -18.02 1.53 7.05
CA HIS A 180 -17.90 2.60 8.03
C HIS A 180 -19.28 3.11 8.42
N LEU A 181 -19.45 3.31 9.72
CA LEU A 181 -20.68 3.88 10.31
C LEU A 181 -20.46 5.36 10.61
N TYR A 182 -21.42 6.20 10.24
CA TYR A 182 -21.36 7.63 10.57
C TYR A 182 -22.74 8.09 11.04
N LYS A 183 -22.78 9.24 11.70
CA LYS A 183 -24.05 9.83 12.04
C LYS A 183 -24.10 11.27 11.52
N VAL A 184 -24.97 11.50 10.53
CA VAL A 184 -25.12 12.83 9.89
C VAL A 184 -26.62 13.18 9.86
N ASN A 185 -26.96 14.43 10.21
CA ASN A 185 -28.34 14.97 10.11
C ASN A 185 -29.42 14.03 10.66
N GLY A 186 -29.16 13.49 11.86
CA GLY A 186 -30.08 12.56 12.52
C GLY A 186 -30.27 11.19 11.86
N TRP A 187 -29.39 10.81 10.94
CA TRP A 187 -29.38 9.45 10.43
C TRP A 187 -28.02 8.82 10.67
N TYR A 188 -28.04 7.52 10.95
CA TYR A 188 -26.85 6.68 10.83
C TYR A 188 -26.71 6.21 9.39
N TYR A 189 -25.51 6.43 8.82
CA TYR A 189 -25.16 5.95 7.48
C TYR A 189 -24.13 4.85 7.58
N LEU A 190 -24.42 3.74 6.89
CA LEU A 190 -23.47 2.64 6.76
C LEU A 190 -22.88 2.62 5.33
N LEU A 191 -21.58 2.93 5.23
CA LEU A 191 -20.90 3.01 3.93
C LEU A 191 -20.03 1.78 3.73
N ILE A 192 -20.10 1.19 2.54
CA ILE A 192 -19.43 -0.09 2.30
C ILE A 192 -18.90 -0.15 0.86
N ALA A 193 -18.02 -1.14 0.61
CA ALA A 193 -17.62 -1.53 -0.74
C ALA A 193 -18.35 -2.82 -1.11
N GLU A 194 -18.69 -2.96 -2.40
CA GLU A 194 -19.19 -4.25 -2.94
C GLU A 194 -18.50 -4.51 -4.30
N GLY A 195 -18.57 -5.76 -4.73
CA GLY A 195 -18.19 -6.16 -6.08
C GLY A 195 -16.75 -6.63 -6.14
N GLY A 196 -16.05 -6.58 -5.01
CA GLY A 196 -14.64 -6.94 -4.99
C GLY A 196 -13.78 -5.79 -5.41
N THR A 197 -12.55 -5.76 -4.88
CA THR A 197 -11.62 -4.65 -5.21
C THR A 197 -11.02 -4.67 -6.64
N GLU A 198 -11.76 -5.23 -7.59
CA GLU A 198 -11.29 -5.23 -8.99
C GLU A 198 -12.26 -4.49 -9.91
N TYR A 199 -12.50 -4.98 -11.12
CA TYR A 199 -13.30 -4.22 -12.10
C TYR A 199 -14.76 -4.00 -11.71
N GLY A 200 -15.25 -4.80 -10.77
CA GLY A 200 -16.61 -4.70 -10.25
C GLY A 200 -16.77 -3.80 -9.02
N HIS A 201 -15.70 -3.15 -8.58
CA HIS A 201 -15.69 -2.36 -7.33
C HIS A 201 -16.70 -1.20 -7.40
N MET A 202 -17.41 -1.01 -6.30
CA MET A 202 -18.39 0.07 -6.15
C MET A 202 -18.56 0.42 -4.67
N VAL A 203 -19.03 1.63 -4.42
CA VAL A 203 -19.42 2.07 -3.10
C VAL A 203 -20.95 2.08 -3.00
N THR A 204 -21.48 1.47 -1.95
CA THR A 204 -22.92 1.55 -1.67
C THR A 204 -23.13 2.12 -0.29
N VAL A 205 -24.33 2.66 -0.04
CA VAL A 205 -24.65 3.22 1.27
C VAL A 205 -26.06 2.82 1.73
N ALA A 206 -26.22 2.62 3.03
CA ALA A 206 -27.55 2.43 3.62
C ALA A 206 -27.75 3.30 4.85
N ARG A 207 -29.01 3.52 5.24
CA ARG A 207 -29.29 4.37 6.41
C ARG A 207 -30.33 3.80 7.37
N SER A 208 -30.21 4.24 8.63
CA SER A 208 -31.13 3.87 9.70
C SER A 208 -31.19 4.98 10.75
N LYS A 209 -32.31 5.03 11.49
CA LYS A 209 -32.40 5.85 12.71
C LYS A 209 -31.59 5.23 13.86
N TYR A 210 -31.27 3.93 13.76
CA TYR A 210 -30.56 3.17 14.82
C TYR A 210 -29.21 2.61 14.33
N PRO A 211 -28.17 2.59 15.22
CA PRO A 211 -26.83 2.11 14.79
C PRO A 211 -26.81 0.65 14.33
N PHE A 212 -27.72 -0.18 14.85
CA PHE A 212 -27.84 -1.58 14.40
C PHE A 212 -28.90 -1.83 13.31
N GLY A 213 -29.54 -0.78 12.83
CA GLY A 213 -30.55 -0.94 11.77
C GLY A 213 -31.98 -0.98 12.30
N PRO A 214 -32.95 -1.46 11.51
CA PRO A 214 -32.72 -1.97 10.13
C PRO A 214 -32.30 -0.88 9.13
N PHE A 215 -31.36 -1.23 8.23
CA PHE A 215 -30.79 -0.30 7.24
C PHE A 215 -31.54 -0.36 5.91
N GLU A 216 -31.95 0.80 5.41
CA GLU A 216 -32.55 0.92 4.10
C GLU A 216 -31.48 1.25 3.07
N SER A 217 -31.43 0.49 1.99
CA SER A 217 -30.47 0.72 0.90
C SER A 217 -30.77 2.04 0.19
N CYS A 218 -29.74 2.84 -0.11
CA CYS A 218 -29.93 4.05 -0.93
C CYS A 218 -30.52 3.70 -2.29
N PRO A 219 -31.59 4.42 -2.73
CA PRO A 219 -32.32 4.05 -3.96
C PRO A 219 -31.53 4.23 -5.27
N PHE A 220 -30.47 5.03 -5.23
CA PHE A 220 -29.61 5.21 -6.39
C PHE A 220 -28.19 4.64 -6.15
N ASN A 221 -28.11 3.65 -5.26
CA ASN A 221 -26.94 2.76 -5.16
C ASN A 221 -26.64 2.14 -6.53
N PRO A 222 -25.37 2.00 -6.91
CA PRO A 222 -24.19 2.38 -6.10
C PRO A 222 -23.89 3.88 -6.22
N ILE A 223 -23.39 4.49 -5.15
CA ILE A 223 -23.12 5.95 -5.14
C ILE A 223 -21.76 6.37 -5.74
N LEU A 224 -20.92 5.38 -6.07
CA LEU A 224 -19.63 5.62 -6.75
C LEU A 224 -19.15 4.31 -7.38
N THR A 225 -18.91 4.32 -8.69
CA THR A 225 -18.31 3.18 -9.37
C THR A 225 -17.89 3.54 -10.80
N HIS A 226 -16.81 2.91 -11.26
CA HIS A 226 -16.43 2.97 -12.66
C HIS A 226 -16.65 1.62 -13.36
N ARG A 227 -17.40 0.71 -12.73
CA ARG A 227 -17.77 -0.55 -13.39
C ARG A 227 -18.46 -0.29 -14.73
N SER A 228 -18.14 -1.13 -15.72
CA SER A 228 -18.80 -1.06 -17.02
C SER A 228 -18.51 0.26 -17.75
N THR A 229 -17.42 0.91 -17.39
CA THR A 229 -16.89 2.05 -18.11
C THR A 229 -15.47 1.72 -18.62
N ASN A 230 -14.98 2.56 -19.52
CA ASN A 230 -13.63 2.50 -20.05
C ASN A 230 -12.80 3.68 -19.48
N HIS A 231 -13.20 4.22 -18.34
CA HIS A 231 -12.47 5.36 -17.75
C HIS A 231 -11.03 4.94 -17.39
N PRO A 232 -10.04 5.87 -17.47
CA PRO A 232 -8.67 5.52 -17.04
C PRO A 232 -8.56 5.08 -15.57
N LEU A 233 -9.43 5.62 -14.71
CA LEU A 233 -9.55 5.20 -13.33
C LEU A 233 -10.52 4.04 -13.20
N GLN A 234 -10.06 2.94 -12.60
CA GLN A 234 -10.89 1.74 -12.46
C GLN A 234 -10.89 1.23 -11.05
N ALA A 235 -11.71 0.22 -10.79
CA ALA A 235 -11.69 -0.47 -9.49
C ALA A 235 -11.88 0.48 -8.27
N ILE A 236 -12.76 1.46 -8.42
CA ILE A 236 -12.90 2.53 -7.43
C ILE A 236 -13.85 2.16 -6.29
N GLY A 237 -13.44 2.49 -5.06
CA GLY A 237 -14.20 2.09 -3.88
C GLY A 237 -13.35 2.01 -2.63
N HIS A 238 -13.93 1.39 -1.58
CA HIS A 238 -13.31 1.40 -0.25
C HIS A 238 -13.15 2.83 0.25
N ALA A 239 -14.28 3.53 0.30
CA ALA A 239 -14.34 4.95 0.63
C ALA A 239 -14.37 5.19 2.14
N ASP A 240 -13.92 6.37 2.57
CA ASP A 240 -14.05 6.86 3.95
C ASP A 240 -14.36 8.36 3.84
N ILE A 241 -15.41 8.83 4.53
CA ILE A 241 -15.86 10.22 4.35
C ILE A 241 -15.33 11.14 5.45
N VAL A 242 -15.24 12.42 5.11
CA VAL A 242 -14.75 13.43 6.05
C VAL A 242 -15.53 14.71 5.76
N GLN A 243 -15.87 15.44 6.81
CA GLN A 243 -16.35 16.82 6.66
C GLN A 243 -15.16 17.73 6.90
N TYR A 244 -14.77 18.45 5.85
CA TYR A 244 -13.75 19.47 5.91
C TYR A 244 -14.20 20.61 6.85
N HIS A 245 -13.23 21.33 7.42
CA HIS A 245 -13.51 22.34 8.43
C HIS A 245 -14.24 23.58 7.90
N ASP A 246 -14.36 23.72 6.58
CA ASP A 246 -15.27 24.70 5.98
C ASP A 246 -16.72 24.18 5.86
N GLY A 247 -16.98 22.96 6.30
CA GLY A 247 -18.32 22.38 6.24
C GLY A 247 -18.67 21.51 5.04
N SER A 248 -17.80 21.51 4.02
CA SER A 248 -18.01 20.67 2.81
C SER A 248 -17.60 19.21 3.10
N TRP A 249 -18.21 18.27 2.36
CA TRP A 249 -18.00 16.84 2.54
C TRP A 249 -17.19 16.24 1.39
N TRP A 250 -16.32 15.31 1.74
CA TRP A 250 -15.40 14.71 0.81
C TRP A 250 -15.21 13.23 1.17
N ALA A 251 -14.88 12.43 0.17
CA ALA A 251 -14.56 11.00 0.36
C ALA A 251 -13.15 10.73 -0.18
N VAL A 252 -12.41 9.92 0.56
CA VAL A 252 -11.23 9.27 0.00
C VAL A 252 -11.56 7.81 -0.26
N PHE A 253 -10.91 7.24 -1.27
CA PHE A 253 -11.17 5.87 -1.75
C PHE A 253 -9.96 5.53 -2.63
N HIS A 254 -9.84 4.26 -3.05
CA HIS A 254 -8.79 3.93 -3.98
C HIS A 254 -9.32 3.62 -5.38
N GLY A 255 -8.39 3.60 -6.34
CA GLY A 255 -8.64 3.20 -7.69
C GLY A 255 -7.33 2.88 -8.39
N THR A 256 -7.42 2.27 -9.57
CA THR A 256 -6.25 1.87 -10.34
C THR A 256 -6.20 2.63 -11.64
N ARG A 257 -5.01 2.65 -12.24
CA ARG A 257 -4.81 3.19 -13.58
C ARG A 257 -4.29 2.05 -14.48
N PRO A 258 -5.23 1.20 -14.99
CA PRO A 258 -4.73 0.06 -15.77
C PRO A 258 -4.35 0.48 -17.17
N ILE A 259 -3.44 -0.29 -17.74
CA ILE A 259 -3.01 -0.07 -19.13
C ILE A 259 -3.16 -1.34 -19.95
N SER A 260 -2.94 -1.23 -21.27
CA SER A 260 -2.99 -2.33 -22.21
C SER A 260 -4.42 -2.97 -22.29
N TYR A 261 -4.57 -4.09 -22.99
CA TYR A 261 -5.88 -4.75 -23.10
C TYR A 261 -5.73 -6.30 -23.10
N PRO A 262 -6.51 -7.04 -22.29
CA PRO A 262 -7.39 -6.50 -21.22
C PRO A 262 -6.61 -5.67 -20.17
N PRO A 263 -7.33 -4.80 -19.44
CA PRO A 263 -6.65 -3.82 -18.58
C PRO A 263 -5.83 -4.53 -17.48
N LYS A 264 -4.59 -4.08 -17.32
CA LYS A 264 -3.67 -4.60 -16.31
C LYS A 264 -3.04 -3.43 -15.61
N HIS A 265 -2.93 -3.49 -14.29
CA HIS A 265 -2.32 -2.38 -13.55
C HIS A 265 -1.08 -2.81 -12.74
N HIS A 266 -0.06 -1.94 -12.70
CA HIS A 266 1.15 -2.27 -11.92
C HIS A 266 1.60 -1.28 -10.86
N LEU A 267 0.93 -0.13 -10.78
CA LEU A 267 1.21 0.89 -9.75
C LEU A 267 0.37 0.71 -8.50
N GLY A 268 -0.35 -0.40 -8.41
CA GLY A 268 -1.15 -0.70 -7.24
C GLY A 268 -2.44 0.05 -7.23
N ARG A 269 -3.13 -0.01 -6.09
CA ARG A 269 -4.34 0.77 -5.90
C ARG A 269 -3.97 2.06 -5.21
N GLU A 270 -4.47 3.18 -5.75
CA GLU A 270 -3.92 4.49 -5.46
C GLU A 270 -5.01 5.36 -4.86
N THR A 271 -4.63 6.24 -3.93
CA THR A 271 -5.64 6.95 -3.13
C THR A 271 -6.15 8.16 -3.93
N CYS A 272 -7.49 8.26 -4.01
CA CYS A 272 -8.18 9.31 -4.74
C CYS A 272 -9.12 10.13 -3.86
N LEU A 273 -9.48 11.30 -4.38
CA LEU A 273 -10.38 12.25 -3.71
C LEU A 273 -11.58 12.69 -4.56
N ALA A 274 -12.76 12.74 -3.94
CA ALA A 274 -13.95 13.27 -4.60
C ALA A 274 -14.90 13.97 -3.63
N PRO A 275 -15.63 15.02 -4.11
CA PRO A 275 -16.60 15.68 -3.22
C PRO A 275 -17.86 14.86 -3.00
N ILE A 276 -18.58 15.18 -1.93
CA ILE A 276 -19.90 14.63 -1.65
C ILE A 276 -20.91 15.78 -1.61
N LYS A 277 -22.07 15.54 -2.21
CA LYS A 277 -23.26 16.36 -1.97
C LYS A 277 -24.35 15.50 -1.33
N TRP A 278 -25.14 16.14 -0.47
CA TRP A 278 -26.23 15.49 0.21
C TRP A 278 -27.52 15.91 -0.47
N THR A 279 -28.32 14.94 -0.89
CA THR A 279 -29.58 15.22 -1.58
C THR A 279 -30.61 15.73 -0.57
N ASP A 280 -31.62 16.45 -1.06
CA ASP A 280 -32.77 16.91 -0.24
C ASP A 280 -33.31 15.82 0.65
N ASP A 281 -33.51 14.64 0.07
CA ASP A 281 -34.08 13.52 0.81
C ASP A 281 -33.08 12.70 1.66
N GLY A 282 -31.85 13.21 1.83
CA GLY A 282 -30.89 12.70 2.83
C GLY A 282 -29.95 11.55 2.43
N TRP A 283 -29.37 11.64 1.24
CA TRP A 283 -28.42 10.63 0.76
C TRP A 283 -27.17 11.30 0.20
N PRO A 284 -26.00 10.67 0.40
CA PRO A 284 -24.79 11.24 -0.22
C PRO A 284 -24.62 10.73 -1.65
N ILE A 285 -24.19 11.61 -2.54
CA ILE A 285 -23.77 11.21 -3.88
C ILE A 285 -22.34 11.70 -4.06
N ILE A 286 -21.45 10.80 -4.50
CA ILE A 286 -20.02 11.11 -4.64
C ILE A 286 -19.67 11.57 -6.06
N GLY A 287 -18.91 12.66 -6.17
CA GLY A 287 -18.36 13.16 -7.43
C GLY A 287 -19.40 13.58 -8.44
N TYR A 288 -19.13 13.32 -9.72
CA TYR A 288 -20.07 13.62 -10.83
C TYR A 288 -21.15 12.51 -10.96
N ASN A 289 -22.16 12.65 -10.11
CA ASN A 289 -23.20 11.62 -9.94
C ASN A 289 -22.69 10.16 -10.00
N GLY A 290 -21.73 9.85 -9.13
CA GLY A 290 -21.25 8.46 -8.97
C GLY A 290 -20.06 8.09 -9.83
N ARG A 291 -19.46 9.11 -10.46
CA ARG A 291 -18.27 8.96 -11.31
C ARG A 291 -17.26 10.08 -11.02
N ILE A 292 -16.00 9.83 -11.36
CA ILE A 292 -14.91 10.74 -11.03
C ILE A 292 -13.99 10.87 -12.23
N ASP A 293 -13.03 11.81 -12.19
CA ASP A 293 -12.09 12.02 -13.27
CA ASP A 293 -12.07 11.96 -13.28
C ASP A 293 -10.66 12.20 -12.74
N ILE A 294 -9.69 12.14 -13.64
CA ILE A 294 -8.31 12.45 -13.29
C ILE A 294 -8.13 13.95 -12.97
N LYS A 295 -8.96 14.81 -13.55
CA LYS A 295 -8.94 16.25 -13.25
C LYS A 295 -10.25 16.55 -12.55
N MET A 296 -10.21 17.25 -11.43
CA MET A 296 -11.38 17.43 -10.59
C MET A 296 -11.44 18.86 -10.08
N ASP A 297 -12.64 19.38 -9.90
CA ASP A 297 -12.83 20.68 -9.26
C ASP A 297 -12.59 20.60 -7.75
N ALA A 298 -11.73 21.49 -7.25
CA ALA A 298 -11.27 21.54 -5.86
C ALA A 298 -12.23 22.19 -4.85
N GLY A 299 -13.38 22.66 -5.33
CA GLY A 299 -14.35 23.39 -4.46
C GLY A 299 -13.65 24.57 -3.79
N TYR A 300 -13.81 24.69 -2.47
CA TYR A 300 -13.07 25.73 -1.73
C TYR A 300 -11.80 25.24 -1.04
N LEU A 301 -11.32 24.04 -1.38
CA LEU A 301 -10.08 23.56 -0.82
C LEU A 301 -8.92 24.47 -1.26
N PRO A 302 -8.04 24.85 -0.31
CA PRO A 302 -6.84 25.67 -0.64
C PRO A 302 -5.77 24.88 -1.40
N VAL A 303 -5.59 25.20 -2.67
CA VAL A 303 -4.65 24.45 -3.52
C VAL A 303 -3.20 24.87 -3.27
N LYS A 304 -2.24 23.98 -3.57
CA LYS A 304 -0.79 24.29 -3.52
C LYS A 304 -0.23 24.49 -4.92
N GLU A 311 9.11 16.53 -6.77
CA GLU A 311 8.86 15.08 -6.72
C GLU A 311 10.12 14.15 -6.89
N ILE A 312 11.27 14.77 -7.17
CA ILE A 312 12.57 14.07 -7.27
C ILE A 312 13.04 13.63 -5.89
N ILE A 313 13.38 12.35 -5.71
CA ILE A 313 13.84 11.82 -4.42
C ILE A 313 15.18 11.08 -4.52
N GLU A 314 16.19 11.66 -3.90
CA GLU A 314 17.56 11.15 -3.90
C GLU A 314 17.89 10.76 -2.49
N ASP A 315 18.42 9.55 -2.29
CA ASP A 315 18.85 9.14 -0.98
C ASP A 315 20.34 8.90 -1.04
N ASP A 316 21.10 9.71 -0.30
CA ASP A 316 22.55 9.56 -0.25
C ASP A 316 23.04 8.62 0.87
N PHE A 317 22.08 8.06 1.63
CA PHE A 317 22.36 7.18 2.78
C PHE A 317 23.30 7.83 3.83
N ASN A 318 23.21 9.17 3.93
CA ASN A 318 24.04 9.97 4.85
C ASN A 318 23.58 9.91 6.30
N SER A 319 22.34 9.48 6.53
CA SER A 319 21.75 9.36 7.86
C SER A 319 21.79 7.92 8.35
N ASP A 320 21.77 7.71 9.66
CA ASP A 320 21.69 6.33 10.15
C ASP A 320 20.26 5.87 10.50
N ILE A 321 19.28 6.68 10.13
CA ILE A 321 17.85 6.30 10.18
C ILE A 321 17.44 6.13 8.72
N PHE A 322 16.83 4.98 8.37
CA PHE A 322 16.29 4.77 7.03
C PHE A 322 15.22 5.79 6.75
N SER A 323 15.20 6.30 5.52
CA SER A 323 14.16 7.23 5.09
C SER A 323 12.82 6.47 5.06
N THR A 324 11.74 7.24 5.06
CA THR A 324 10.39 6.67 5.14
C THR A 324 9.93 6.06 3.82
N ASP A 325 10.70 6.24 2.74
CA ASP A 325 10.39 5.60 1.45
C ASP A 325 10.64 4.11 1.45
N TRP A 326 11.54 3.65 2.31
CA TRP A 326 12.07 2.28 2.28
C TRP A 326 11.18 1.29 3.01
N ASN A 327 10.89 0.18 2.37
CA ASN A 327 10.21 -0.93 3.04
C ASN A 327 11.05 -2.18 2.81
N PHE A 328 10.86 -3.17 3.70
CA PHE A 328 11.50 -4.49 3.61
C PHE A 328 10.42 -5.54 3.32
N ILE A 329 10.82 -6.69 2.80
CA ILE A 329 9.86 -7.81 2.62
C ILE A 329 9.75 -8.55 3.97
N GLN A 330 8.56 -8.47 4.60
CA GLN A 330 8.37 -8.94 5.98
C GLN A 330 9.32 -8.22 6.96
N ASN A 331 9.35 -8.68 8.22
CA ASN A 331 10.30 -8.17 9.24
C ASN A 331 11.75 -8.35 8.77
N PRO A 332 12.50 -7.25 8.59
CA PRO A 332 13.89 -7.38 8.17
C PRO A 332 14.80 -8.05 9.20
N ARG A 333 15.82 -8.75 8.71
CA ARG A 333 16.92 -9.19 9.57
C ARG A 333 17.88 -7.99 9.68
N LEU A 334 17.73 -7.22 10.75
CA LEU A 334 18.37 -5.90 10.89
C LEU A 334 19.90 -5.93 10.71
N GLU A 335 20.53 -7.02 11.17
CA GLU A 335 22.00 -7.22 11.11
C GLU A 335 22.54 -7.30 9.67
N HIS A 336 21.65 -7.54 8.70
CA HIS A 336 22.04 -7.64 7.28
C HIS A 336 21.98 -6.30 6.52
N TYR A 337 21.56 -5.26 7.23
CA TYR A 337 21.55 -3.91 6.69
C TYR A 337 22.30 -3.02 7.68
N SER A 338 23.31 -2.30 7.18
CA SER A 338 24.04 -1.36 8.01
C SER A 338 24.25 -0.02 7.33
N LEU A 339 23.83 1.03 7.99
CA LEU A 339 24.21 2.37 7.56
C LEU A 339 25.49 2.87 8.27
N LYS A 340 26.03 2.06 9.18
CA LYS A 340 27.18 2.46 10.04
C LYS A 340 28.52 1.86 9.64
N GLY A 341 28.51 0.65 9.08
CA GLY A 341 29.75 -0.02 8.66
C GLY A 341 30.58 0.84 7.72
N ARG A 342 29.93 1.43 6.73
CA ARG A 342 30.59 2.32 5.82
C ARG A 342 29.78 3.61 5.78
N PRO A 343 30.13 4.57 6.65
CA PRO A 343 29.34 5.80 6.71
C PRO A 343 29.12 6.43 5.34
N SER A 344 27.90 6.91 5.10
CA SER A 344 27.41 7.42 3.81
C SER A 344 27.06 6.38 2.75
N TRP A 345 27.13 5.09 3.12
CA TRP A 345 26.66 4.01 2.23
C TRP A 345 25.71 3.07 3.00
N LEU A 346 24.92 2.31 2.26
CA LEU A 346 24.17 1.19 2.78
C LEU A 346 24.95 -0.10 2.50
N LYS A 347 25.23 -0.84 3.57
CA LYS A 347 25.98 -2.10 3.46
C LYS A 347 25.00 -3.27 3.66
N MET A 348 24.88 -4.10 2.63
CA MET A 348 23.92 -5.21 2.64
C MET A 348 24.59 -6.57 2.61
N ARG A 349 24.06 -7.46 3.43
CA ARG A 349 24.55 -8.80 3.52
C ARG A 349 23.51 -9.76 2.97
N GLY A 350 23.74 -10.21 1.74
CA GLY A 350 22.88 -11.26 1.14
C GLY A 350 22.88 -12.53 1.97
N THR A 351 21.72 -13.18 2.03
CA THR A 351 21.61 -14.51 2.66
C THR A 351 21.36 -15.56 1.56
N GLU A 352 21.16 -16.81 1.98
CA GLU A 352 20.73 -17.91 1.12
C GLU A 352 19.43 -17.59 0.37
N LYS A 353 18.56 -16.82 1.01
CA LYS A 353 17.27 -16.41 0.44
C LYS A 353 17.44 -15.50 -0.78
N THR A 354 16.59 -15.71 -1.80
CA THR A 354 16.60 -14.93 -3.04
C THR A 354 15.30 -14.14 -3.21
N LEU A 355 15.22 -13.30 -4.24
CA LEU A 355 13.94 -12.63 -4.56
C LEU A 355 12.80 -13.63 -4.88
N ASN A 356 13.14 -14.89 -5.18
CA ASN A 356 12.13 -15.97 -5.34
C ASN A 356 11.53 -16.55 -4.03
N ASP A 357 12.09 -16.16 -2.88
CA ASP A 357 11.66 -16.69 -1.59
C ASP A 357 10.80 -15.68 -0.84
N ILE A 358 9.75 -16.14 -0.19
CA ILE A 358 8.85 -15.24 0.54
C ILE A 358 9.48 -14.71 1.85
N ASN A 359 10.25 -15.55 2.54
CA ASN A 359 10.66 -15.24 3.90
C ASN A 359 11.92 -14.38 4.02
N SER A 360 11.67 -13.09 4.15
CA SER A 360 12.64 -11.97 4.17
C SER A 360 14.02 -12.20 3.48
N PRO A 361 14.06 -12.18 2.13
CA PRO A 361 15.36 -12.03 1.50
C PRO A 361 15.96 -10.66 1.85
N THR A 362 17.28 -10.50 1.65
CA THR A 362 17.92 -9.20 1.87
C THR A 362 17.51 -8.24 0.76
N PHE A 363 16.68 -7.28 1.13
CA PHE A 363 16.01 -6.43 0.16
C PHE A 363 15.51 -5.20 0.87
N ILE A 364 15.68 -4.04 0.22
CA ILE A 364 15.06 -2.78 0.63
C ILE A 364 14.48 -2.12 -0.62
N GLY A 365 13.21 -1.69 -0.56
CA GLY A 365 12.57 -1.17 -1.74
C GLY A 365 11.69 0.01 -1.50
N ARG A 366 11.37 0.72 -2.58
CA ARG A 366 10.46 1.86 -2.56
C ARG A 366 9.44 1.75 -3.70
N ARG A 367 8.20 2.17 -3.44
CA ARG A 367 7.12 2.06 -4.42
C ARG A 367 7.43 2.78 -5.76
N GLN A 368 7.02 2.17 -6.87
CA GLN A 368 6.89 2.87 -8.13
C GLN A 368 5.61 3.70 -8.04
N GLU A 369 5.76 5.01 -8.18
CA GLU A 369 4.66 5.95 -7.98
C GLU A 369 4.28 6.72 -9.24
N HIS A 370 5.03 6.49 -10.32
CA HIS A 370 4.78 7.12 -11.61
C HIS A 370 4.96 6.11 -12.71
N PHE A 371 4.25 6.29 -13.81
CA PHE A 371 4.42 5.43 -14.99
C PHE A 371 5.76 5.68 -15.66
N VAL A 372 6.15 6.96 -15.74
CA VAL A 372 7.41 7.32 -16.37
C VAL A 372 8.38 7.78 -15.29
N CYS A 373 9.47 7.05 -15.15
CA CYS A 373 10.47 7.41 -14.16
C CYS A 373 11.82 6.81 -14.46
N ASN A 374 12.87 7.44 -13.92
CA ASN A 374 14.22 6.88 -13.98
C ASN A 374 14.79 6.60 -12.58
N VAL A 375 15.21 5.35 -12.37
CA VAL A 375 15.65 4.86 -11.08
C VAL A 375 17.08 4.36 -11.20
N SER A 376 17.94 4.76 -10.27
CA SER A 376 19.36 4.36 -10.36
C SER A 376 20.05 4.29 -9.00
N THR A 377 21.15 3.55 -8.99
CA THR A 377 21.95 3.33 -7.80
C THR A 377 23.40 3.10 -8.21
N LEU A 378 24.34 3.51 -7.35
CA LEU A 378 25.74 3.15 -7.51
C LEU A 378 26.04 2.02 -6.53
N LEU A 379 26.55 0.91 -7.08
CA LEU A 379 26.91 -0.28 -6.29
C LEU A 379 28.40 -0.61 -6.34
N GLU A 380 28.97 -0.86 -5.18
CA GLU A 380 30.25 -1.56 -5.08
C GLU A 380 30.00 -3.00 -4.62
N PHE A 381 30.43 -3.95 -5.45
CA PHE A 381 30.22 -5.37 -5.21
C PHE A 381 31.28 -6.14 -5.95
N LYS A 382 31.96 -6.98 -5.18
CA LYS A 382 33.01 -7.86 -5.68
C LYS A 382 32.65 -9.30 -5.31
N PRO A 383 31.81 -9.98 -6.13
CA PRO A 383 31.37 -11.31 -5.69
C PRO A 383 32.56 -12.25 -5.53
N ASN A 384 32.60 -12.94 -4.40
CA ASN A 384 33.70 -13.86 -4.08
C ASN A 384 33.53 -15.22 -4.70
N GLN A 385 32.27 -15.63 -4.89
CA GLN A 385 31.94 -16.97 -5.40
C GLN A 385 30.84 -16.89 -6.46
N ASP A 386 30.66 -17.97 -7.21
CA ASP A 386 29.65 -18.05 -8.26
C ASP A 386 28.16 -17.86 -7.87
N ASN A 387 27.78 -18.19 -6.65
CA ASN A 387 26.39 -18.04 -6.25
C ASN A 387 26.01 -16.58 -5.90
N GLU A 388 27.01 -15.71 -5.83
CA GLU A 388 26.88 -14.39 -5.18
C GLU A 388 26.44 -13.28 -6.15
N GLU A 389 25.49 -12.47 -5.67
CA GLU A 389 24.71 -11.60 -6.54
C GLU A 389 24.18 -10.37 -5.78
N ALA A 390 24.33 -9.18 -6.37
CA ALA A 390 23.69 -7.98 -5.80
C ALA A 390 23.25 -7.04 -6.93
N GLY A 391 22.15 -6.34 -6.73
CA GLY A 391 21.66 -5.49 -7.79
C GLY A 391 20.43 -4.68 -7.48
N LEU A 392 19.74 -4.33 -8.58
CA LEU A 392 18.56 -3.47 -8.59
C LEU A 392 17.39 -4.25 -9.19
N THR A 393 16.28 -4.30 -8.45
CA THR A 393 15.12 -5.09 -8.88
C THR A 393 13.87 -4.20 -9.13
N VAL A 394 13.03 -4.67 -10.07
CA VAL A 394 11.65 -4.20 -10.20
C VAL A 394 10.84 -5.37 -9.72
N TYR A 395 10.14 -5.21 -8.59
CA TYR A 395 9.58 -6.34 -7.86
C TYR A 395 8.09 -6.18 -7.61
N MET A 396 7.31 -7.21 -7.95
CA MET A 396 5.88 -7.27 -7.59
C MET A 396 5.65 -8.28 -6.47
N ASN A 397 6.09 -9.52 -6.67
CA ASN A 397 6.09 -10.55 -5.61
C ASN A 397 7.16 -11.60 -5.94
N GLU A 398 7.20 -12.69 -5.17
CA GLU A 398 8.27 -13.70 -5.29
C GLU A 398 8.35 -14.43 -6.64
N LYS A 399 7.25 -14.41 -7.40
CA LYS A 399 7.21 -15.02 -8.74
C LYS A 399 7.15 -14.00 -9.88
N HIS A 400 7.16 -12.71 -9.54
CA HIS A 400 7.13 -11.64 -10.56
C HIS A 400 8.07 -10.52 -10.21
N HIS A 401 9.28 -10.61 -10.76
CA HIS A 401 10.31 -9.58 -10.58
C HIS A 401 11.39 -9.67 -11.69
N TYR A 402 11.97 -8.52 -12.01
CA TYR A 402 13.09 -8.42 -12.92
C TYR A 402 14.22 -7.76 -12.15
N GLU A 403 15.46 -8.07 -12.51
CA GLU A 403 16.61 -7.51 -11.82
C GLU A 403 17.83 -7.44 -12.74
N ILE A 404 18.60 -6.39 -12.55
CA ILE A 404 19.89 -6.21 -13.18
C ILE A 404 20.91 -6.31 -12.04
N ALA A 405 21.95 -7.11 -12.23
CA ALA A 405 22.83 -7.40 -11.08
C ALA A 405 24.23 -7.73 -11.52
N LEU A 406 25.17 -7.54 -10.58
CA LEU A 406 26.49 -8.11 -10.66
C LEU A 406 26.50 -9.51 -10.07
N THR A 407 27.15 -10.42 -10.77
CA THR A 407 27.24 -11.82 -10.36
C THR A 407 28.58 -12.40 -10.87
N LYS A 408 28.89 -13.64 -10.48
CA LYS A 408 30.12 -14.33 -10.87
C LYS A 408 29.77 -15.68 -11.50
N LYS A 409 30.44 -16.03 -12.60
CA LYS A 409 30.30 -17.37 -13.20
C LYS A 409 31.60 -17.91 -13.78
N ASN A 410 31.99 -19.09 -13.27
CA ASN A 410 33.26 -19.78 -13.60
C ASN A 410 34.46 -18.87 -13.44
N GLY A 411 34.54 -18.23 -12.28
CA GLY A 411 35.56 -17.22 -11.99
C GLY A 411 35.60 -16.11 -13.02
N ARG A 412 34.45 -15.49 -13.26
CA ARG A 412 34.31 -14.36 -14.19
C ARG A 412 33.13 -13.46 -13.74
N ILE A 413 33.37 -12.15 -13.61
CA ILE A 413 32.30 -11.18 -13.21
C ILE A 413 31.42 -10.72 -14.39
N ASN A 414 30.10 -10.88 -14.24
CA ASN A 414 29.12 -10.55 -15.27
C ASN A 414 28.02 -9.64 -14.75
N VAL A 415 27.63 -8.69 -15.59
CA VAL A 415 26.36 -7.98 -15.39
C VAL A 415 25.30 -8.79 -16.10
N VAL A 416 24.20 -9.09 -15.39
CA VAL A 416 23.11 -9.91 -15.93
C VAL A 416 21.73 -9.23 -15.80
N LEU A 417 20.84 -9.53 -16.75
CA LEU A 417 19.41 -9.24 -16.62
C LEU A 417 18.68 -10.56 -16.37
N LYS A 418 17.96 -10.64 -15.25
CA LYS A 418 17.29 -11.87 -14.80
C LYS A 418 15.80 -11.58 -14.65
N LYS A 419 14.95 -12.57 -14.97
CA LYS A 419 13.51 -12.36 -14.82
C LYS A 419 12.92 -13.59 -14.17
N THR A 420 11.96 -13.34 -13.28
CA THR A 420 11.06 -14.39 -12.79
C THR A 420 9.63 -13.98 -13.12
N VAL A 421 8.97 -14.77 -13.97
CA VAL A 421 7.56 -14.57 -14.31
C VAL A 421 6.87 -15.91 -14.18
N GLY A 422 6.03 -16.02 -13.13
CA GLY A 422 5.35 -17.26 -12.80
C GLY A 422 6.36 -18.37 -12.52
N ASP A 423 6.32 -19.42 -13.33
CA ASP A 423 7.22 -20.57 -13.22
C ASP A 423 8.42 -20.45 -14.18
N ILE A 424 8.58 -19.30 -14.82
CA ILE A 424 9.69 -19.08 -15.73
C ILE A 424 10.76 -18.26 -14.99
N GLN A 425 11.98 -18.80 -14.96
CA GLN A 425 13.15 -18.04 -14.46
C GLN A 425 14.22 -18.07 -15.54
N VAL A 426 14.62 -16.89 -16.00
CA VAL A 426 15.49 -16.77 -17.18
C VAL A 426 16.61 -15.75 -16.96
N VAL A 427 17.81 -16.05 -17.48
CA VAL A 427 18.86 -15.04 -17.65
C VAL A 427 18.73 -14.52 -19.08
N VAL A 428 18.28 -13.27 -19.22
CA VAL A 428 17.96 -12.66 -20.52
C VAL A 428 19.20 -12.20 -21.27
N ASN A 429 20.20 -11.71 -20.53
CA ASN A 429 21.44 -11.24 -21.14
C ASN A 429 22.53 -11.25 -20.10
N SER A 430 23.77 -11.37 -20.56
CA SER A 430 24.92 -11.49 -19.67
C SER A 430 26.15 -10.85 -20.35
N LEU A 431 26.81 -9.91 -19.67
CA LEU A 431 28.05 -9.30 -20.21
C LEU A 431 29.16 -9.24 -19.17
N GLU A 432 30.40 -9.53 -19.59
CA GLU A 432 31.52 -9.48 -18.67
C GLU A 432 31.75 -8.04 -18.23
N TYR A 433 32.10 -7.88 -16.96
CA TYR A 433 32.35 -6.57 -16.36
C TYR A 433 33.64 -6.56 -15.57
N PHE A 434 34.37 -5.47 -15.67
CA PHE A 434 35.77 -5.45 -15.29
C PHE A 434 36.14 -4.49 -14.16
N SER A 435 35.14 -4.03 -13.42
CA SER A 435 35.41 -3.27 -12.19
C SER A 435 34.54 -3.62 -11.01
N ASN A 436 34.86 -3.00 -9.87
CA ASN A 436 34.26 -3.28 -8.56
C ASN A 436 33.02 -2.45 -8.32
N THR A 437 32.86 -1.39 -9.11
CA THR A 437 31.73 -0.47 -8.95
C THR A 437 30.99 -0.29 -10.27
N ILE A 438 29.68 -0.06 -10.16
CA ILE A 438 28.78 0.02 -11.30
C ILE A 438 27.59 0.90 -10.97
N ILE A 439 27.07 1.61 -11.96
CA ILE A 439 25.78 2.32 -11.79
C ILE A 439 24.70 1.55 -12.55
N PHE A 440 23.66 1.14 -11.84
CA PHE A 440 22.53 0.47 -12.49
C PHE A 440 21.42 1.49 -12.65
N SER A 441 20.73 1.46 -13.79
CA SER A 441 19.59 2.35 -13.99
C SER A 441 18.46 1.66 -14.76
N ILE A 442 17.22 1.97 -14.35
CA ILE A 442 16.04 1.49 -15.01
C ILE A 442 15.20 2.68 -15.47
N GLN A 443 14.94 2.73 -16.78
CA GLN A 443 13.97 3.67 -17.31
C GLN A 443 12.63 2.94 -17.45
N ALA A 444 11.63 3.43 -16.73
CA ALA A 444 10.27 2.92 -16.77
C ALA A 444 9.42 3.81 -17.69
N ASN A 445 8.66 3.16 -18.56
CA ASN A 445 7.55 3.82 -19.23
C ASN A 445 6.31 2.91 -19.12
N PRO A 446 5.12 3.36 -19.60
CA PRO A 446 3.96 2.53 -19.29
C PRO A 446 4.04 1.04 -19.71
N GLU A 447 4.75 0.73 -20.81
CA GLU A 447 4.79 -0.62 -21.41
C GLU A 447 6.01 -1.47 -21.05
N GLU A 448 7.05 -0.81 -20.56
CA GLU A 448 8.37 -1.37 -20.63
C GLU A 448 9.31 -0.75 -19.61
N TYR A 449 10.11 -1.61 -18.99
CA TYR A 449 11.28 -1.19 -18.22
C TYR A 449 12.53 -1.40 -19.08
N LYS A 450 13.45 -0.44 -19.09
CA LYS A 450 14.70 -0.54 -19.86
C LYS A 450 15.89 -0.54 -18.88
N PHE A 451 16.72 -1.59 -18.95
CA PHE A 451 17.73 -1.88 -17.93
C PHE A 451 19.11 -1.53 -18.50
N SER A 452 19.75 -0.54 -17.89
CA SER A 452 21.08 -0.12 -18.33
C SER A 452 22.10 -0.18 -17.19
N PHE A 453 23.38 -0.25 -17.55
CA PHE A 453 24.42 0.00 -16.56
C PHE A 453 25.41 1.03 -17.11
N VAL A 454 26.07 1.72 -16.18
CA VAL A 454 27.08 2.73 -16.50
C VAL A 454 28.35 2.31 -15.76
N ASP A 455 29.47 2.30 -16.50
CA ASP A 455 30.77 2.23 -15.86
C ASP A 455 31.09 3.60 -15.26
N PRO A 456 31.15 3.70 -13.90
CA PRO A 456 31.29 5.00 -13.23
C PRO A 456 32.51 5.85 -13.69
N ASN A 457 33.60 5.17 -14.03
CA ASN A 457 34.89 5.78 -14.40
C ASN A 457 34.92 6.42 -15.79
N THR A 458 34.00 6.01 -16.66
CA THR A 458 33.97 6.50 -18.06
C THR A 458 32.67 7.22 -18.40
N GLY A 459 31.61 6.88 -17.68
CA GLY A 459 30.30 7.47 -17.92
C GLY A 459 29.61 6.83 -19.11
N GLN A 460 30.17 5.75 -19.66
CA GLN A 460 29.53 5.08 -20.79
C GLN A 460 28.36 4.21 -20.33
N THR A 461 27.23 4.39 -21.00
CA THR A 461 26.01 3.64 -20.69
C THR A 461 25.78 2.50 -21.68
N TYR A 462 25.16 1.42 -21.21
CA TYR A 462 24.87 0.25 -22.06
C TYR A 462 23.49 -0.24 -21.74
N LEU A 463 22.63 -0.37 -22.75
CA LEU A 463 21.31 -0.99 -22.55
C LEU A 463 21.48 -2.50 -22.55
N LEU A 464 21.26 -3.12 -21.39
CA LEU A 464 21.39 -4.57 -21.24
C LEU A 464 20.16 -5.38 -21.70
N GLY A 465 18.98 -4.78 -21.52
CA GLY A 465 17.75 -5.36 -21.99
C GLY A 465 16.52 -4.66 -21.48
N THR A 466 15.37 -5.23 -21.82
CA THR A 466 14.08 -4.65 -21.47
C THR A 466 13.17 -5.72 -20.89
N GLY A 467 12.08 -5.28 -20.26
CA GLY A 467 11.04 -6.15 -19.74
C GLY A 467 9.68 -5.49 -19.79
N LEU A 468 8.65 -6.30 -19.98
CA LEU A 468 7.27 -5.81 -20.03
C LEU A 468 6.72 -5.44 -18.66
N THR A 469 6.05 -4.28 -18.57
CA THR A 469 5.36 -3.92 -17.35
C THR A 469 4.21 -4.88 -17.03
N THR A 470 3.50 -5.32 -18.08
CA THR A 470 2.29 -6.11 -17.91
C THR A 470 2.53 -7.48 -17.26
N LEU A 471 3.73 -8.02 -17.41
CA LEU A 471 4.02 -9.32 -16.77
C LEU A 471 4.30 -9.19 -15.26
N LEU A 472 4.38 -7.94 -14.77
CA LEU A 472 4.50 -7.68 -13.34
C LEU A 472 3.19 -7.12 -12.78
N SER A 473 2.19 -6.97 -13.62
CA SER A 473 0.91 -6.42 -13.20
C SER A 473 0.24 -7.33 -12.15
N THR A 474 -0.62 -6.73 -11.34
CA THR A 474 -1.37 -7.44 -10.31
C THR A 474 -2.20 -8.56 -10.94
N GLU A 475 -2.83 -8.26 -12.08
CA GLU A 475 -3.68 -9.25 -12.79
C GLU A 475 -2.90 -10.50 -13.09
N VAL A 476 -1.65 -10.32 -13.55
CA VAL A 476 -0.71 -11.42 -13.85
C VAL A 476 -0.13 -12.09 -12.60
N ALA A 477 0.36 -11.27 -11.66
CA ALA A 477 1.14 -11.73 -10.50
C ALA A 477 0.32 -12.27 -9.34
N GLY A 478 -0.89 -11.77 -9.20
CA GLY A 478 -1.73 -12.07 -8.02
C GLY A 478 -1.39 -11.14 -6.85
N GLY A 479 -2.13 -11.26 -5.76
CA GLY A 479 -1.94 -10.40 -4.58
C GLY A 479 -2.62 -9.04 -4.72
N PHE A 480 -2.19 -8.08 -3.90
CA PHE A 480 -2.95 -6.85 -3.68
C PHE A 480 -2.09 -5.60 -3.67
N THR A 481 -0.98 -5.62 -4.39
CA THR A 481 0.05 -4.62 -4.17
C THR A 481 0.47 -3.93 -5.47
N GLY A 482 1.48 -3.08 -5.38
CA GLY A 482 2.09 -2.43 -6.53
C GLY A 482 3.57 -2.76 -6.65
N VAL A 483 4.14 -2.43 -7.81
CA VAL A 483 5.59 -2.57 -8.07
C VAL A 483 6.43 -1.73 -7.11
N TYR A 484 7.51 -2.34 -6.62
CA TYR A 484 8.62 -1.66 -5.93
C TYR A 484 9.91 -1.72 -6.74
N PHE A 485 10.72 -0.65 -6.64
CA PHE A 485 12.12 -0.66 -7.04
C PHE A 485 12.97 -0.97 -5.80
N GLY A 486 13.81 -2.00 -5.91
CA GLY A 486 14.56 -2.49 -4.75
C GLY A 486 16.04 -2.71 -4.93
N LEU A 487 16.77 -2.61 -3.82
CA LEU A 487 18.19 -2.94 -3.77
C LEU A 487 18.26 -4.28 -3.02
N TYR A 488 19.02 -5.24 -3.53
CA TYR A 488 19.02 -6.56 -2.96
C TYR A 488 20.39 -7.22 -3.09
N ALA A 489 20.60 -8.24 -2.27
CA ALA A 489 21.80 -9.09 -2.36
C ALA A 489 21.38 -10.49 -2.01
N THR A 490 22.05 -11.46 -2.60
CA THR A 490 21.73 -12.84 -2.33
C THR A 490 22.92 -13.75 -2.58
N GLY A 491 22.98 -14.86 -1.83
CA GLY A 491 23.96 -15.90 -2.10
C GLY A 491 23.40 -17.15 -2.72
N ASN A 492 22.15 -17.08 -3.21
CA ASN A 492 21.51 -18.13 -3.99
C ASN A 492 21.60 -19.54 -3.40
N GLY A 493 21.21 -19.68 -2.14
CA GLY A 493 21.26 -20.97 -1.44
C GLY A 493 22.35 -21.08 -0.39
N LYS A 494 23.32 -20.15 -0.44
CA LYS A 494 24.39 -19.97 0.55
C LYS A 494 24.36 -18.54 1.08
N VAL A 495 24.99 -18.31 2.23
CA VAL A 495 25.24 -16.92 2.68
C VAL A 495 26.17 -16.23 1.66
N CYS A 496 25.93 -14.94 1.43
CA CYS A 496 26.74 -14.19 0.50
C CYS A 496 27.97 -13.66 1.25
N THR A 497 29.15 -14.12 0.86
CA THR A 497 30.38 -13.79 1.61
C THR A 497 30.87 -12.39 1.28
N ALA A 498 30.58 -11.92 0.07
CA ALA A 498 30.85 -10.54 -0.36
C ALA A 498 29.78 -9.56 0.17
N PRO A 499 30.20 -8.48 0.84
CA PRO A 499 29.24 -7.43 1.17
C PRO A 499 28.84 -6.63 -0.08
N ALA A 500 27.62 -6.10 -0.11
CA ALA A 500 27.19 -5.17 -1.17
C ALA A 500 27.08 -3.78 -0.58
N PHE A 501 27.74 -2.81 -1.24
CA PHE A 501 27.67 -1.41 -0.80
C PHE A 501 26.94 -0.53 -1.80
N PHE A 502 25.87 0.11 -1.37
CA PHE A 502 25.12 1.02 -2.23
C PHE A 502 25.37 2.43 -1.74
N ASP A 503 25.85 3.28 -2.63
CA ASP A 503 26.28 4.64 -2.27
C ASP A 503 25.09 5.55 -2.23
N TRP A 504 24.16 5.35 -3.16
CA TRP A 504 23.01 6.22 -3.23
C TRP A 504 21.92 5.59 -4.06
N PHE A 505 20.75 6.23 -4.04
CA PHE A 505 19.59 5.79 -4.81
C PHE A 505 18.81 7.03 -5.27
N LYS A 506 18.51 7.06 -6.57
CA LYS A 506 17.77 8.17 -7.16
C LYS A 506 16.44 7.69 -7.78
N TYR A 507 15.39 8.47 -7.51
CA TYR A 507 14.07 8.28 -8.08
C TYR A 507 13.66 9.58 -8.71
N ILE A 508 13.68 9.60 -10.04
CA ILE A 508 13.38 10.79 -10.83
C ILE A 508 12.18 10.52 -11.74
N PRO A 509 10.99 10.98 -11.31
CA PRO A 509 9.80 10.73 -12.11
C PRO A 509 9.61 11.82 -13.16
N GLU A 510 8.91 11.51 -14.24
CA GLU A 510 8.58 12.53 -15.23
C GLU A 510 7.35 13.31 -14.77
CA CA B . 26.46 8.13 -0.22
C1 XYS C . -11.45 -10.75 -2.77
C2 XYS C . -12.04 -9.31 -2.91
C3 XYS C . -11.41 -8.45 -1.85
C4 XYS C . -11.76 -9.14 -0.54
C5 XYS C . -11.05 -10.50 -0.39
O1 XYS C . -10.83 -11.17 -3.97
O2 XYS C . -11.94 -8.70 -4.20
O3 XYS C . -11.88 -7.10 -1.89
O4 XYS C . -11.33 -8.27 0.48
O5 XYS C . -10.52 -10.89 -1.67
#